data_8UKG
#
_entry.id   8UKG
#
_entity_poly.entity_id   1
_entity_poly.type   'polypeptide(L)'
_entity_poly.pdbx_seq_one_letter_code
;W(PQ4)G(WWB)ASNDGEGTAII
;
_entity_poly.pdbx_strand_id   A
#
# COMPACT_ATOMS: atom_id res chain seq x y z
N TRP A 1 -1.57 3.52 -0.31
CA TRP A 1 -0.97 4.71 -0.91
C TRP A 1 0.46 4.91 -0.40
N GLY A 3 1.74 3.37 2.23
CA GLY A 3 1.97 2.28 3.18
C GLY A 3 3.39 1.76 3.08
N ALA A 5 3.94 -2.01 2.79
CA ALA A 5 3.74 -3.45 2.64
C ALA A 5 2.96 -3.76 1.37
N SER A 6 1.72 -4.19 1.53
CA SER A 6 0.88 -4.51 0.38
C SER A 6 0.43 -3.25 -0.33
N ASN A 7 0.03 -3.39 -1.59
CA ASN A 7 -0.42 -2.25 -2.38
C ASN A 7 -1.74 -1.71 -1.84
N ASP A 8 -1.83 -0.38 -1.73
CA ASP A 8 -3.05 0.24 -1.23
C ASP A 8 -3.90 0.78 -2.38
N GLY A 9 -3.51 0.44 -3.60
CA GLY A 9 -4.24 0.88 -4.78
C GLY A 9 -3.28 1.40 -5.85
N GLU A 10 -2.46 2.38 -5.47
CA GLU A 10 -1.50 2.96 -6.42
C GLU A 10 -0.08 2.77 -5.92
N GLY A 11 0.08 2.76 -4.59
CA GLY A 11 1.41 2.59 -4.00
C GLY A 11 1.38 1.53 -2.90
N THR A 12 2.20 1.74 -1.87
CA THR A 12 2.26 0.80 -0.76
C THR A 12 1.06 0.97 0.17
N ALA A 13 0.86 0.00 1.05
CA ALA A 13 -0.26 0.04 1.98
C ALA A 13 0.16 -0.40 3.38
N ILE A 14 -0.63 -0.01 4.37
CA ILE A 14 -0.33 -0.37 5.75
C ILE A 14 -0.49 -1.87 5.95
N ILE A 15 0.48 -2.46 6.63
CA ILE A 15 0.48 -3.89 6.90
C ILE A 15 -0.91 -4.49 6.65
N TRP A 1 -1.81 3.55 -0.52
CA TRP A 1 -1.19 4.73 -1.11
C TRP A 1 0.22 4.93 -0.56
N GLY A 3 2.12 3.26 2.23
CA GLY A 3 2.33 2.25 3.26
C GLY A 3 3.69 1.59 3.10
N ALA A 5 3.86 -2.15 3.02
CA ALA A 5 3.54 -3.57 2.92
C ALA A 5 2.82 -3.86 1.61
N SER A 6 1.56 -4.26 1.69
CA SER A 6 0.77 -4.57 0.50
C SER A 6 0.40 -3.28 -0.23
N ASN A 7 0.12 -3.41 -1.52
CA ASN A 7 -0.26 -2.25 -2.33
C ASN A 7 -1.65 -1.75 -1.94
N ASP A 8 -1.77 -0.43 -1.79
CA ASP A 8 -3.04 0.18 -1.43
C ASP A 8 -3.80 0.64 -2.67
N GLY A 9 -3.24 0.33 -3.84
CA GLY A 9 -3.86 0.73 -5.10
C GLY A 9 -2.88 1.49 -5.98
N GLU A 10 -2.61 2.74 -5.61
CA GLU A 10 -1.69 3.56 -6.38
C GLU A 10 -0.27 3.45 -5.81
N GLY A 11 -0.15 2.81 -4.65
CA GLY A 11 1.15 2.64 -4.01
C GLY A 11 1.08 1.56 -2.93
N THR A 12 1.99 1.63 -1.97
CA THR A 12 2.03 0.66 -0.88
C THR A 12 0.96 0.97 0.15
N ALA A 13 0.71 0.01 1.05
CA ALA A 13 -0.29 0.18 2.09
C ALA A 13 0.24 -0.29 3.44
N ILE A 14 -0.44 0.13 4.50
CA ILE A 14 -0.03 -0.26 5.85
C ILE A 14 -0.30 -1.74 6.10
N ILE A 15 0.70 -2.41 6.67
CA ILE A 15 0.57 -3.83 6.95
C ILE A 15 -0.87 -4.19 7.25
N TRP A 1 -2.21 3.44 0.04
CA TRP A 1 -1.22 4.48 -0.26
C TRP A 1 -0.43 4.84 1.00
N GLY A 3 2.11 3.52 2.45
CA GLY A 3 2.23 2.36 3.32
C GLY A 3 3.62 1.74 3.21
N ALA A 5 3.96 -2.09 2.86
CA ALA A 5 3.67 -3.51 2.73
C ALA A 5 2.81 -3.78 1.50
N SER A 6 1.53 -4.04 1.73
CA SER A 6 0.61 -4.32 0.63
C SER A 6 0.31 -3.05 -0.14
N ASN A 7 -0.37 -3.19 -1.28
CA ASN A 7 -0.71 -2.04 -2.11
C ASN A 7 -2.13 -1.58 -1.81
N ASP A 8 -2.30 -0.27 -1.67
CA ASP A 8 -3.61 0.30 -1.38
C ASP A 8 -4.24 0.85 -2.65
N GLY A 9 -3.64 0.54 -3.79
CA GLY A 9 -4.17 1.02 -5.07
C GLY A 9 -3.05 1.06 -6.12
N GLU A 10 -2.26 2.13 -6.08
CA GLU A 10 -1.17 2.28 -7.04
C GLU A 10 0.12 2.66 -6.31
N GLY A 11 0.26 2.19 -5.08
CA GLY A 11 1.45 2.48 -4.29
C GLY A 11 1.57 1.52 -3.11
N THR A 12 2.25 1.97 -2.06
CA THR A 12 2.43 1.15 -0.87
C THR A 12 1.20 1.23 0.02
N ALA A 13 1.11 0.30 0.99
CA ALA A 13 -0.02 0.28 1.91
C ALA A 13 0.39 -0.30 3.25
N ILE A 14 -0.34 0.06 4.31
CA ILE A 14 -0.03 -0.43 5.63
C ILE A 14 -0.17 -1.95 5.69
N ILE A 15 0.70 -2.59 6.46
CA ILE A 15 0.66 -4.04 6.59
C ILE A 15 -0.70 -4.58 6.16
N TRP A 1 -2.18 3.27 -0.22
CA TRP A 1 -1.22 4.32 -0.56
C TRP A 1 -0.39 4.70 0.67
N GLY A 3 2.10 3.47 2.16
CA GLY A 3 2.20 2.35 3.10
C GLY A 3 3.60 1.74 3.06
N ALA A 5 3.97 -2.08 3.01
CA ALA A 5 3.71 -3.51 2.96
C ALA A 5 2.84 -3.86 1.75
N SER A 6 1.54 -4.04 1.99
CA SER A 6 0.62 -4.37 0.91
C SER A 6 0.37 -3.16 0.02
N ASN A 7 -0.32 -3.38 -1.09
CA ASN A 7 -0.61 -2.30 -2.02
C ASN A 7 -2.05 -1.82 -1.84
N ASP A 8 -2.21 -0.49 -1.74
CA ASP A 8 -3.54 0.08 -1.57
C ASP A 8 -4.09 0.57 -2.89
N GLY A 9 -3.35 0.32 -3.97
CA GLY A 9 -3.78 0.74 -5.30
C GLY A 9 -2.80 1.74 -5.90
N GLU A 10 -2.54 2.83 -5.17
CA GLU A 10 -1.62 3.84 -5.63
C GLU A 10 -0.19 3.30 -5.66
N GLY A 11 0.14 2.47 -4.68
CA GLY A 11 1.47 1.89 -4.59
C GLY A 11 1.63 1.07 -3.32
N THR A 12 2.24 1.68 -2.30
CA THR A 12 2.45 0.99 -1.03
C THR A 12 1.18 1.07 -0.17
N ALA A 13 1.13 0.22 0.85
CA ALA A 13 -0.03 0.19 1.74
C ALA A 13 0.37 -0.31 3.13
N ILE A 14 -0.38 0.07 4.14
CA ILE A 14 -0.10 -0.35 5.50
C ILE A 14 -0.24 -1.86 5.63
N ILE A 15 0.61 -2.46 6.46
CA ILE A 15 0.58 -3.90 6.66
C ILE A 15 -0.76 -4.47 6.22
N TRP A 1 -1.35 3.61 -0.66
CA TRP A 1 -0.40 4.55 -1.27
C TRP A 1 0.66 4.99 -0.27
N GLY A 3 1.97 3.55 2.62
CA GLY A 3 2.19 2.42 3.51
C GLY A 3 3.55 1.79 3.28
N ALA A 5 3.80 -2.03 2.94
CA ALA A 5 3.52 -3.47 2.84
C ALA A 5 2.66 -3.76 1.61
N SER A 6 1.37 -4.06 1.83
CA SER A 6 0.47 -4.36 0.73
C SER A 6 0.16 -3.10 -0.07
N ASN A 7 -0.28 -3.30 -1.30
CA ASN A 7 -0.62 -2.18 -2.17
C ASN A 7 -1.95 -1.55 -1.76
N ASP A 8 -1.99 -0.23 -1.76
CA ASP A 8 -3.20 0.49 -1.38
C ASP A 8 -3.99 0.90 -2.61
N GLY A 9 -3.56 0.41 -3.78
CA GLY A 9 -4.23 0.73 -5.02
C GLY A 9 -3.22 1.14 -6.09
N GLU A 10 -2.49 2.21 -5.84
CA GLU A 10 -1.49 2.70 -6.78
C GLU A 10 -0.18 3.00 -6.07
N GLY A 11 0.02 2.36 -4.92
CA GLY A 11 1.23 2.56 -4.14
C GLY A 11 1.31 1.58 -2.98
N THR A 12 2.17 1.88 -2.01
CA THR A 12 2.34 1.02 -0.85
C THR A 12 1.18 1.19 0.12
N ALA A 13 1.06 0.27 1.07
CA ALA A 13 0.00 0.32 2.06
C ALA A 13 0.44 -0.32 3.38
N ILE A 14 -0.25 0.01 4.46
CA ILE A 14 0.08 -0.54 5.76
C ILE A 14 -0.14 -2.03 5.81
N ILE A 15 0.83 -2.75 6.36
CA ILE A 15 0.74 -4.20 6.48
C ILE A 15 -0.71 -4.62 6.71
N TRP A 1 -1.26 3.71 -0.83
CA TRP A 1 -0.24 4.49 -1.52
C TRP A 1 0.99 4.66 -0.63
N GLY A 3 1.70 3.74 3.51
CA GLY A 3 1.95 2.53 4.26
C GLY A 3 3.37 2.01 4.03
N ALA A 5 3.86 -1.51 3.17
CA ALA A 5 3.65 -2.87 2.68
C ALA A 5 2.36 -2.96 1.88
N SER A 6 1.91 -4.18 1.62
CA SER A 6 0.67 -4.40 0.87
C SER A 6 0.51 -3.34 -0.20
N ASN A 7 -0.70 -3.24 -0.73
CA ASN A 7 -1.01 -2.28 -1.77
C ASN A 7 -2.28 -1.49 -1.43
N ASP A 8 -2.21 -0.17 -1.56
CA ASP A 8 -3.36 0.68 -1.26
C ASP A 8 -4.10 1.03 -2.55
N GLY A 9 -3.65 0.48 -3.67
CA GLY A 9 -4.29 0.74 -4.95
C GLY A 9 -3.25 1.04 -6.03
N GLU A 10 -2.62 2.20 -5.94
CA GLU A 10 -1.60 2.59 -6.92
C GLU A 10 -0.30 2.92 -6.22
N GLY A 11 -0.07 2.30 -5.06
CA GLY A 11 1.14 2.55 -4.30
C GLY A 11 1.24 1.60 -3.10
N THR A 12 2.14 1.90 -2.18
CA THR A 12 2.33 1.07 -1.00
C THR A 12 1.22 1.32 0.01
N ALA A 13 1.10 0.43 0.99
CA ALA A 13 0.07 0.54 2.01
C ALA A 13 0.47 -0.20 3.28
N ILE A 14 -0.41 -0.20 4.25
CA ILE A 14 -0.15 -0.88 5.52
C ILE A 14 -0.22 -2.38 5.36
N ILE A 15 0.76 -3.08 5.94
CA ILE A 15 0.81 -4.52 5.86
C ILE A 15 -0.59 -5.12 5.87
N TRP A 1 -2.12 3.18 0.08
CA TRP A 1 -1.15 4.24 -0.19
C TRP A 1 -0.34 4.56 1.05
N GLY A 3 1.99 3.55 2.41
CA GLY A 3 2.20 2.36 3.22
C GLY A 3 3.59 1.78 2.98
N ALA A 5 3.95 -2.08 2.54
CA ALA A 5 3.70 -3.52 2.45
C ALA A 5 2.81 -3.82 1.24
N SER A 6 1.54 -4.12 1.50
CA SER A 6 0.61 -4.44 0.43
C SER A 6 0.23 -3.18 -0.34
N ASN A 7 -0.24 -3.36 -1.56
CA ASN A 7 -0.62 -2.23 -2.41
C ASN A 7 -2.05 -1.77 -2.06
N ASP A 8 -2.19 -0.49 -1.78
CA ASP A 8 -3.49 0.08 -1.44
C ASP A 8 -4.16 0.70 -2.66
N GLY A 9 -3.52 0.52 -3.82
CA GLY A 9 -4.06 1.07 -5.06
C GLY A 9 -2.94 1.32 -6.07
N GLU A 10 -2.23 2.43 -5.90
CA GLU A 10 -1.14 2.77 -6.81
C GLU A 10 0.15 3.00 -6.03
N GLY A 11 0.32 2.26 -4.93
CA GLY A 11 1.51 2.41 -4.10
C GLY A 11 1.50 1.40 -2.96
N THR A 12 2.30 1.65 -1.93
CA THR A 12 2.37 0.77 -0.78
C THR A 12 1.18 0.99 0.14
N ALA A 13 0.97 0.07 1.07
CA ALA A 13 -0.15 0.18 2.00
C ALA A 13 0.29 -0.24 3.41
N ILE A 14 -0.47 0.20 4.41
CA ILE A 14 -0.16 -0.13 5.80
C ILE A 14 -0.32 -1.62 6.04
N ILE A 15 0.66 -2.22 6.71
CA ILE A 15 0.62 -3.65 7.00
C ILE A 15 -0.76 -4.05 7.49
N TRP A 1 -1.54 3.56 -0.10
CA TRP A 1 -0.90 4.73 -0.69
C TRP A 1 0.47 4.97 -0.04
N GLY A 3 1.81 3.52 2.51
CA GLY A 3 2.05 2.42 3.42
C GLY A 3 3.39 1.75 3.15
N ALA A 5 3.58 -1.82 3.01
CA ALA A 5 3.23 -3.22 2.79
C ALA A 5 2.12 -3.33 1.75
N SER A 6 2.05 -4.49 1.10
CA SER A 6 1.03 -4.71 0.08
C SER A 6 0.77 -3.44 -0.72
N ASN A 7 -0.32 -3.43 -1.47
CA ASN A 7 -0.66 -2.27 -2.29
C ASN A 7 -1.97 -1.65 -1.81
N ASP A 8 -1.95 -0.35 -1.55
CA ASP A 8 -3.14 0.36 -1.08
C ASP A 8 -3.89 0.97 -2.27
N GLY A 9 -3.41 0.70 -3.47
CA GLY A 9 -4.05 1.23 -4.67
C GLY A 9 -3.10 2.13 -5.44
N GLU A 10 -2.26 1.54 -6.28
CA GLU A 10 -1.30 2.30 -7.07
C GLU A 10 -0.17 2.79 -6.19
N GLY A 11 0.12 2.07 -5.12
CA GLY A 11 1.18 2.45 -4.20
C GLY A 11 1.28 1.45 -3.05
N THR A 12 2.08 1.81 -2.04
CA THR A 12 2.26 0.94 -0.88
C THR A 12 1.06 1.02 0.05
N ALA A 13 0.97 0.09 0.99
CA ALA A 13 -0.14 0.07 1.93
C ALA A 13 0.34 -0.38 3.31
N ILE A 14 -0.44 -0.07 4.33
CA ILE A 14 -0.09 -0.45 5.70
C ILE A 14 -0.25 -1.95 5.90
N ILE A 15 0.73 -2.57 6.55
CA ILE A 15 0.68 -4.01 6.80
C ILE A 15 -0.76 -4.47 6.98
N TRP A 1 -1.62 3.67 -0.69
CA TRP A 1 -0.92 4.77 -1.34
C TRP A 1 0.41 5.03 -0.66
N GLY A 3 1.84 3.48 3.20
CA GLY A 3 2.30 2.25 3.81
C GLY A 3 3.74 1.95 3.41
N ALA A 5 4.39 -1.61 2.61
CA ALA A 5 4.27 -2.88 1.92
C ALA A 5 2.83 -3.12 1.49
N SER A 6 2.65 -3.98 0.48
CA SER A 6 1.32 -4.29 -0.03
C SER A 6 0.92 -3.30 -1.10
N ASN A 7 -0.36 -3.34 -1.45
CA ASN A 7 -0.89 -2.43 -2.47
C ASN A 7 -2.14 -1.72 -1.97
N ASP A 8 -2.08 -0.40 -1.91
CA ASP A 8 -3.21 0.39 -1.45
C ASP A 8 -3.98 0.98 -2.63
N GLY A 9 -3.68 0.48 -3.83
CA GLY A 9 -4.34 0.96 -5.04
C GLY A 9 -3.40 1.81 -5.87
N GLU A 10 -2.29 2.24 -5.27
CA GLU A 10 -1.32 3.06 -5.97
C GLU A 10 0.10 2.57 -5.68
N GLY A 11 0.42 2.43 -4.40
CA GLY A 11 1.74 1.97 -3.99
C GLY A 11 1.64 0.89 -2.92
N THR A 12 1.83 1.30 -1.67
CA THR A 12 1.76 0.37 -0.56
C THR A 12 0.81 0.88 0.52
N ALA A 13 0.35 -0.04 1.37
CA ALA A 13 -0.58 0.33 2.44
C ALA A 13 -0.11 -0.23 3.77
N ILE A 14 -0.78 0.16 4.84
CA ILE A 14 -0.43 -0.30 6.18
C ILE A 14 -0.81 -1.76 6.36
N ILE A 15 0.13 -2.54 6.88
CA ILE A 15 -0.10 -3.96 7.10
C ILE A 15 0.30 -4.36 8.53
N TRP A 1 -1.62 3.51 -0.41
CA TRP A 1 -1.09 4.72 -1.02
C TRP A 1 0.28 5.07 -0.43
N GLY A 3 1.64 3.47 2.29
CA GLY A 3 1.99 2.42 3.24
C GLY A 3 3.30 1.76 2.86
N ALA A 5 3.51 -1.80 2.94
CA ALA A 5 3.16 -3.21 2.83
C ALA A 5 2.09 -3.41 1.78
N SER A 6 2.02 -4.62 1.22
CA SER A 6 1.03 -4.92 0.19
C SER A 6 0.81 -3.72 -0.71
N ASN A 7 -0.28 -3.76 -1.47
CA ASN A 7 -0.61 -2.67 -2.38
C ASN A 7 -1.87 -1.95 -1.91
N ASP A 8 -1.79 -0.63 -1.76
CA ASP A 8 -2.93 0.15 -1.33
C ASP A 8 -3.63 0.77 -2.52
N GLY A 9 -3.11 0.49 -3.71
CA GLY A 9 -3.68 1.03 -4.95
C GLY A 9 -2.63 1.82 -5.72
N GLU A 10 -2.32 3.02 -5.23
CA GLU A 10 -1.33 3.86 -5.89
C GLU A 10 0.06 3.26 -5.72
N GLY A 11 0.32 2.70 -4.54
CA GLY A 11 1.62 2.11 -4.25
C GLY A 11 1.48 0.96 -3.25
N THR A 12 1.75 1.25 -1.98
CA THR A 12 1.67 0.24 -0.94
C THR A 12 0.80 0.72 0.22
N ALA A 13 0.30 -0.22 1.01
CA ALA A 13 -0.54 0.11 2.15
C ALA A 13 0.13 -0.28 3.46
N ILE A 14 -0.51 0.06 4.57
CA ILE A 14 0.03 -0.26 5.89
C ILE A 14 -0.13 -1.73 6.20
N ILE A 15 0.96 -2.34 6.67
CA ILE A 15 0.97 -3.74 7.03
C ILE A 15 -0.43 -4.34 6.98
N TRP A 1 -2.04 3.30 -0.21
CA TRP A 1 -1.06 4.34 -0.56
C TRP A 1 -0.40 4.90 0.69
N GLY A 3 1.85 3.60 2.29
CA GLY A 3 2.05 2.49 3.21
C GLY A 3 3.46 1.92 3.09
N ALA A 5 3.90 -1.92 2.87
CA ALA A 5 3.67 -3.35 2.79
C ALA A 5 2.80 -3.70 1.59
N SER A 6 1.55 -4.10 1.86
CA SER A 6 0.63 -4.45 0.80
C SER A 6 0.36 -3.25 -0.11
N ASN A 7 -0.37 -3.48 -1.19
CA ASN A 7 -0.69 -2.40 -2.12
C ASN A 7 -2.08 -1.85 -1.85
N ASP A 8 -2.18 -0.53 -1.75
CA ASP A 8 -3.46 0.12 -1.49
C ASP A 8 -4.04 0.69 -2.78
N GLY A 9 -3.41 0.36 -3.90
CA GLY A 9 -3.87 0.85 -5.19
C GLY A 9 -2.83 1.76 -5.83
N GLU A 10 -2.45 2.81 -5.12
CA GLU A 10 -1.46 3.76 -5.62
C GLU A 10 -0.09 3.11 -5.67
N GLY A 11 0.21 2.27 -4.68
CA GLY A 11 1.49 1.59 -4.61
C GLY A 11 1.64 0.82 -3.29
N THR A 12 2.27 1.46 -2.31
CA THR A 12 2.47 0.84 -1.02
C THR A 12 1.22 0.97 -0.15
N ALA A 13 1.15 0.18 0.91
CA ALA A 13 0.00 0.21 1.81
C ALA A 13 0.38 -0.31 3.19
N ILE A 14 -0.41 0.06 4.20
CA ILE A 14 -0.15 -0.37 5.56
C ILE A 14 -0.29 -1.88 5.69
N ILE A 15 0.65 -2.50 6.39
CA ILE A 15 0.62 -3.95 6.58
C ILE A 15 -0.81 -4.44 6.69
N TRP A 1 -1.55 3.84 -0.57
CA TRP A 1 -0.74 4.86 -1.21
C TRP A 1 0.66 4.90 -0.61
N GLY A 3 1.81 3.59 3.27
CA GLY A 3 2.03 2.35 4.02
C GLY A 3 3.48 1.89 3.89
N ALA A 5 4.02 -1.49 3.15
CA ALA A 5 3.91 -2.76 2.45
C ALA A 5 2.57 -2.86 1.73
N SER A 6 2.11 -4.09 1.51
CA SER A 6 0.83 -4.31 0.84
C SER A 6 0.63 -3.28 -0.28
N ASN A 7 -0.59 -3.20 -0.77
CA ASN A 7 -0.90 -2.26 -1.84
C ASN A 7 -2.19 -1.50 -1.53
N ASP A 8 -2.13 -0.17 -1.60
CA ASP A 8 -3.30 0.65 -1.32
C ASP A 8 -3.93 1.16 -2.62
N GLY A 9 -3.48 0.60 -3.74
CA GLY A 9 -3.99 1.01 -5.04
C GLY A 9 -3.08 2.03 -5.69
N GLU A 10 -2.23 1.56 -6.60
CA GLU A 10 -1.29 2.43 -7.30
C GLU A 10 -0.21 2.92 -6.33
N GLY A 11 0.00 2.19 -5.25
CA GLY A 11 0.99 2.57 -4.26
C GLY A 11 1.18 1.45 -3.23
N THR A 12 1.47 1.85 -1.99
CA THR A 12 1.68 0.88 -0.92
C THR A 12 0.79 1.22 0.28
N ALA A 13 0.51 0.21 1.10
CA ALA A 13 -0.32 0.40 2.28
C ALA A 13 0.25 -0.36 3.47
N ILE A 14 -0.39 -0.19 4.63
CA ILE A 14 0.06 -0.86 5.84
C ILE A 14 -0.19 -2.35 5.75
N ILE A 15 0.82 -3.14 6.13
CA ILE A 15 0.69 -4.60 6.08
C ILE A 15 -0.70 -5.03 6.52
N TRP A 1 -1.92 3.13 -0.02
CA TRP A 1 -0.88 4.09 -0.35
C TRP A 1 -0.34 4.75 0.92
N GLY A 3 1.79 3.56 2.63
CA GLY A 3 2.16 2.47 3.52
C GLY A 3 3.56 1.96 3.21
N ALA A 5 4.01 -1.48 2.79
CA ALA A 5 3.78 -2.85 2.32
C ALA A 5 2.43 -2.97 1.63
N SER A 6 2.08 -4.19 1.23
CA SER A 6 0.81 -4.41 0.56
C SER A 6 0.55 -3.34 -0.49
N ASN A 7 -0.57 -3.46 -1.19
CA ASN A 7 -0.93 -2.50 -2.23
C ASN A 7 -2.30 -1.89 -1.95
N ASP A 8 -2.33 -0.59 -1.68
CA ASP A 8 -3.57 0.09 -1.40
C ASP A 8 -4.16 0.70 -2.67
N GLY A 9 -3.48 0.47 -3.79
CA GLY A 9 -3.93 0.99 -5.07
C GLY A 9 -2.82 1.75 -5.77
N GLU A 10 -2.32 2.80 -5.12
CA GLU A 10 -1.25 3.61 -5.69
C GLU A 10 0.05 2.80 -5.77
N GLY A 11 0.26 1.93 -4.78
CA GLY A 11 1.46 1.11 -4.75
C GLY A 11 1.67 0.52 -3.36
N THR A 12 2.16 1.34 -2.43
CA THR A 12 2.40 0.89 -1.07
C THR A 12 1.11 0.90 -0.26
N ALA A 13 1.13 0.22 0.88
CA ALA A 13 -0.05 0.15 1.73
C ALA A 13 0.34 -0.27 3.15
N ILE A 14 -0.52 0.05 4.11
CA ILE A 14 -0.25 -0.29 5.50
C ILE A 14 -0.57 -1.76 5.76
N ILE A 15 0.39 -2.44 6.38
CA ILE A 15 0.21 -3.87 6.68
C ILE A 15 -1.21 -4.15 7.14
N TRP A 1 -1.87 3.24 0.09
CA TRP A 1 -0.87 4.25 -0.25
C TRP A 1 -0.23 4.82 1.01
N GLY A 3 1.89 3.42 2.58
CA GLY A 3 2.23 2.28 3.42
C GLY A 3 3.64 1.77 3.12
N ALA A 5 4.14 -1.66 2.50
CA ALA A 5 3.93 -3.03 2.02
C ALA A 5 2.62 -3.13 1.25
N SER A 6 2.31 -4.34 0.80
CA SER A 6 1.08 -4.58 0.05
C SER A 6 0.78 -3.40 -0.87
N ASN A 7 -0.44 -3.41 -1.41
CA ASN A 7 -0.86 -2.34 -2.32
C ASN A 7 -2.21 -1.78 -1.89
N ASP A 8 -2.25 -0.47 -1.68
CA ASP A 8 -3.49 0.19 -1.28
C ASP A 8 -4.18 0.82 -2.48
N GLY A 9 -3.65 0.54 -3.67
CA GLY A 9 -4.22 1.08 -4.89
C GLY A 9 -3.15 1.21 -5.98
N GLU A 10 -2.32 2.23 -5.85
CA GLU A 10 -1.25 2.46 -6.83
C GLU A 10 0.08 2.70 -6.12
N GLY A 11 0.23 2.12 -4.93
CA GLY A 11 1.45 2.29 -4.16
C GLY A 11 1.49 1.34 -2.98
N THR A 12 2.20 1.74 -1.93
CA THR A 12 2.31 0.92 -0.72
C THR A 12 1.05 1.04 0.12
N ALA A 13 0.92 0.15 1.10
CA ALA A 13 -0.24 0.17 1.98
C ALA A 13 0.13 -0.26 3.40
N ILE A 14 -0.67 0.16 4.37
CA ILE A 14 -0.42 -0.19 5.76
C ILE A 14 -0.75 -1.65 6.04
N ILE A 15 0.18 -2.32 6.73
CA ILE A 15 0.00 -3.71 7.07
C ILE A 15 0.82 -4.09 8.31
N TRP A 1 -1.87 3.37 -0.13
CA TRP A 1 -0.89 4.40 -0.48
C TRP A 1 -0.27 5.01 0.78
N GLY A 3 1.66 3.56 2.51
CA GLY A 3 1.97 2.43 3.38
C GLY A 3 3.36 1.89 3.09
N ALA A 5 3.85 -1.96 2.63
CA ALA A 5 3.64 -3.40 2.54
C ALA A 5 2.76 -3.75 1.34
N SER A 6 1.49 -4.02 1.60
CA SER A 6 0.56 -4.37 0.53
C SER A 6 0.19 -3.13 -0.28
N ASN A 7 -0.24 -3.35 -1.51
CA ASN A 7 -0.62 -2.24 -2.39
C ASN A 7 -2.00 -1.71 -2.02
N ASP A 8 -2.08 -0.40 -1.81
CA ASP A 8 -3.35 0.23 -1.45
C ASP A 8 -4.01 0.85 -2.68
N GLY A 9 -3.44 0.57 -3.85
CA GLY A 9 -3.98 1.09 -5.10
C GLY A 9 -2.89 1.23 -6.15
N GLU A 10 -2.09 2.30 -6.04
CA GLU A 10 -1.02 2.53 -6.98
C GLU A 10 0.31 2.72 -6.26
N GLY A 11 0.31 2.42 -4.96
CA GLY A 11 1.52 2.56 -4.16
C GLY A 11 1.65 1.42 -3.15
N THR A 12 1.56 1.75 -1.87
CA THR A 12 1.66 0.75 -0.82
C THR A 12 0.67 1.04 0.30
N ALA A 13 0.51 0.08 1.21
CA ALA A 13 -0.41 0.24 2.32
C ALA A 13 0.21 -0.28 3.61
N ILE A 14 -0.46 -0.01 4.73
CA ILE A 14 0.04 -0.45 6.03
C ILE A 14 -0.07 -1.96 6.17
N ILE A 15 1.00 -2.59 6.64
CA ILE A 15 1.01 -4.03 6.81
C ILE A 15 -0.34 -4.53 7.33
N TRP A 1 -2.17 3.42 -0.35
CA TRP A 1 -1.14 4.40 -0.67
C TRP A 1 -0.52 4.97 0.59
N GLY A 3 2.41 3.48 2.68
CA GLY A 3 2.58 2.41 3.66
C GLY A 3 3.93 1.73 3.47
N ALA A 5 4.06 -1.83 3.07
CA ALA A 5 3.72 -3.20 2.72
C ALA A 5 2.46 -3.22 1.87
N SER A 6 2.07 -4.41 1.42
CA SER A 6 0.88 -4.57 0.60
C SER A 6 0.73 -3.39 -0.35
N ASN A 7 -0.45 -3.30 -0.95
CA ASN A 7 -0.73 -2.21 -1.88
C ASN A 7 -2.16 -1.70 -1.72
N ASP A 8 -2.31 -0.39 -1.71
CA ASP A 8 -3.62 0.23 -1.56
C ASP A 8 -4.18 0.62 -2.92
N GLY A 9 -3.48 0.25 -3.98
CA GLY A 9 -3.91 0.56 -5.34
C GLY A 9 -2.92 1.49 -6.02
N GLU A 10 -2.67 2.65 -5.41
CA GLU A 10 -1.74 3.62 -5.98
C GLU A 10 -0.32 3.08 -5.90
N GLY A 11 -0.01 2.37 -4.82
CA GLY A 11 1.32 1.81 -4.64
C GLY A 11 1.39 1.01 -3.33
N THR A 12 2.25 1.46 -2.42
CA THR A 12 2.41 0.78 -1.14
C THR A 12 1.25 1.10 -0.21
N ALA A 13 1.14 0.33 0.87
CA ALA A 13 0.06 0.54 1.83
C ALA A 13 0.41 -0.06 3.19
N ILE A 14 -0.36 0.29 4.20
CA ILE A 14 -0.13 -0.22 5.55
C ILE A 14 -0.49 -1.69 5.65
N ILE A 15 0.41 -2.47 6.23
CA ILE A 15 0.19 -3.90 6.39
C ILE A 15 -1.24 -4.18 6.82
N TRP A 1 -1.87 3.38 0.04
CA TRP A 1 -0.84 4.34 -0.34
C TRP A 1 -0.18 4.94 0.91
N GLY A 3 1.72 3.60 2.61
CA GLY A 3 2.00 2.49 3.51
C GLY A 3 3.36 1.87 3.21
N ALA A 5 3.66 -1.67 2.95
CA ALA A 5 3.34 -3.07 2.67
C ALA A 5 2.15 -3.18 1.74
N SER A 6 1.92 -4.38 1.21
CA SER A 6 0.80 -4.60 0.31
C SER A 6 0.59 -3.39 -0.59
N ASN A 7 -0.57 -3.36 -1.24
CA ASN A 7 -0.92 -2.27 -2.13
C ASN A 7 -2.28 -1.68 -1.77
N ASP A 8 -2.32 -0.37 -1.55
CA ASP A 8 -3.55 0.31 -1.21
C ASP A 8 -4.21 0.89 -2.46
N GLY A 9 -3.62 0.60 -3.62
CA GLY A 9 -4.16 1.09 -4.88
C GLY A 9 -3.08 1.11 -5.95
N GLU A 10 -2.29 2.18 -5.99
CA GLU A 10 -1.23 2.31 -6.97
C GLU A 10 0.09 2.64 -6.29
N GLY A 11 0.25 2.13 -5.07
CA GLY A 11 1.48 2.38 -4.30
C GLY A 11 1.58 1.42 -3.12
N THR A 12 2.28 1.87 -2.08
CA THR A 12 2.45 1.05 -0.89
C THR A 12 1.20 1.11 0.00
N ALA A 13 1.16 0.24 0.99
CA ALA A 13 0.01 0.18 1.89
C ALA A 13 0.42 -0.35 3.26
N ILE A 14 -0.39 -0.05 4.27
CA ILE A 14 -0.10 -0.50 5.63
C ILE A 14 -0.26 -2.02 5.74
N ILE A 15 0.72 -2.65 6.37
CA ILE A 15 0.69 -4.10 6.54
C ILE A 15 -0.74 -4.58 6.76
N TRP A 1 -1.47 3.72 -0.82
CA TRP A 1 -0.50 4.61 -1.47
C TRP A 1 0.75 4.73 -0.61
N GLY A 3 1.95 3.51 3.46
CA GLY A 3 2.30 2.27 4.12
C GLY A 3 3.72 1.85 3.80
N ALA A 5 4.19 -1.65 2.96
CA ALA A 5 4.02 -2.97 2.34
C ALA A 5 2.70 -3.02 1.57
N SER A 6 2.31 -4.22 1.16
CA SER A 6 1.07 -4.40 0.42
C SER A 6 0.85 -3.24 -0.55
N ASN A 7 -0.36 -3.17 -1.08
CA ASN A 7 -0.71 -2.12 -2.02
C ASN A 7 -2.05 -1.48 -1.65
N ASP A 8 -2.11 -0.16 -1.74
CA ASP A 8 -3.33 0.57 -1.42
C ASP A 8 -4.11 0.89 -2.69
N GLY A 9 -3.63 0.40 -3.82
CA GLY A 9 -4.28 0.64 -5.10
C GLY A 9 -3.29 1.20 -6.12
N GLU A 10 -2.63 2.29 -5.76
CA GLU A 10 -1.66 2.92 -6.65
C GLU A 10 -0.31 3.05 -5.96
N GLY A 11 -0.14 2.32 -4.86
CA GLY A 11 1.10 2.36 -4.10
C GLY A 11 1.06 1.41 -2.92
N THR A 12 2.01 1.56 -2.00
CA THR A 12 2.05 0.72 -0.81
C THR A 12 1.02 1.16 0.21
N ALA A 13 0.77 0.28 1.20
CA ALA A 13 -0.22 0.58 2.23
C ALA A 13 0.15 -0.15 3.53
N ILE A 14 -0.59 0.16 4.58
CA ILE A 14 -0.35 -0.46 5.89
C ILE A 14 -0.62 -1.96 5.83
N ILE A 15 0.29 -2.72 6.42
CA ILE A 15 0.15 -4.17 6.45
C ILE A 15 0.48 -4.72 7.83
N TRP A 1 -1.36 3.71 -0.87
CA TRP A 1 -0.33 4.50 -1.53
C TRP A 1 0.89 4.66 -0.63
N GLY A 3 1.67 3.74 3.49
CA GLY A 3 1.96 2.53 4.24
C GLY A 3 3.40 2.08 4.01
N ALA A 5 3.96 -1.37 3.10
CA ALA A 5 3.81 -2.69 2.51
C ALA A 5 2.48 -2.81 1.76
N SER A 6 2.03 -4.04 1.56
CA SER A 6 0.76 -4.27 0.88
C SER A 6 0.57 -3.26 -0.23
N ASN A 7 -0.66 -3.18 -0.73
CA ASN A 7 -0.98 -2.25 -1.81
C ASN A 7 -2.28 -1.50 -1.50
N ASP A 8 -2.23 -0.17 -1.58
CA ASP A 8 -3.40 0.65 -1.31
C ASP A 8 -4.14 0.97 -2.61
N GLY A 9 -3.72 0.34 -3.70
CA GLY A 9 -4.33 0.56 -5.00
C GLY A 9 -3.58 1.62 -5.79
N GLU A 10 -2.55 2.21 -5.17
CA GLU A 10 -1.76 3.23 -5.82
C GLU A 10 -0.27 2.95 -5.64
N GLY A 11 0.05 1.90 -4.88
CA GLY A 11 1.44 1.53 -4.64
C GLY A 11 1.59 0.85 -3.28
N THR A 12 2.33 1.49 -2.38
CA THR A 12 2.54 0.93 -1.05
C THR A 12 1.32 1.16 -0.17
N ALA A 13 1.27 0.46 0.96
CA ALA A 13 0.16 0.60 1.89
C ALA A 13 0.43 -0.16 3.18
N ILE A 14 -0.51 -0.09 4.11
CA ILE A 14 -0.37 -0.78 5.40
C ILE A 14 -0.45 -2.28 5.22
N ILE A 15 0.48 -2.99 5.86
CA ILE A 15 0.51 -4.44 5.78
C ILE A 15 -0.90 -5.00 5.66
N TRP A 1 -1.77 3.12 -0.18
CA TRP A 1 -0.77 4.14 -0.51
C TRP A 1 -0.12 4.68 0.76
N GLY A 3 1.84 3.40 2.36
CA GLY A 3 2.19 2.25 3.20
C GLY A 3 3.60 1.77 2.92
N ALA A 5 4.23 -2.01 2.36
CA ALA A 5 4.10 -3.45 2.18
C ALA A 5 3.16 -3.78 1.02
N SER A 6 1.91 -4.10 1.35
CA SER A 6 0.93 -4.44 0.33
C SER A 6 0.54 -3.21 -0.48
N ASN A 7 -0.04 -3.44 -1.66
CA ASN A 7 -0.46 -2.35 -2.53
C ASN A 7 -1.85 -1.87 -2.15
N ASP A 8 -1.99 -0.57 -1.95
CA ASP A 8 -3.28 0.02 -1.59
C ASP A 8 -3.98 0.59 -2.82
N GLY A 9 -3.39 0.33 -3.99
CA GLY A 9 -3.96 0.81 -5.24
C GLY A 9 -2.90 1.45 -6.11
N GLU A 10 -2.48 2.67 -5.76
CA GLU A 10 -1.46 3.37 -6.53
C GLU A 10 -0.14 3.40 -5.77
N GLY A 11 -0.08 2.67 -4.66
CA GLY A 11 1.14 2.62 -3.86
C GLY A 11 1.04 1.52 -2.79
N THR A 12 1.94 1.60 -1.80
CA THR A 12 1.96 0.62 -0.73
C THR A 12 0.85 0.90 0.29
N ALA A 13 0.59 -0.08 1.15
CA ALA A 13 -0.45 0.07 2.17
C ALA A 13 0.11 -0.20 3.56
N ILE A 14 -0.71 0.03 4.57
CA ILE A 14 -0.29 -0.17 5.96
C ILE A 14 -0.67 -1.56 6.46
N ILE A 15 0.30 -2.23 7.08
CA ILE A 15 0.08 -3.57 7.62
C ILE A 15 1.02 -3.84 8.79
#